data_7FDN
#
_entry.id   7FDN
#
_cell.length_a   70.452
_cell.length_b   70.452
_cell.length_c   88.556
_cell.angle_alpha   90.000
_cell.angle_beta   90.000
_cell.angle_gamma   120.000
#
_symmetry.space_group_name_H-M   'P 32'
#
loop_
_entity.id
_entity.type
_entity.pdbx_description
1 polymer 'Transcription factor EGL1'
2 non-polymer 'SULFATE ION'
3 non-polymer GLYCEROL
4 non-polymer 'SODIUM ION'
5 non-polymer 'CHLORIDE ION'
6 water water
#
_entity_poly.entity_id   1
_entity_poly.type   'polypeptide(L)'
_entity_poly.pdbx_seq_one_letter_code
;TVPDNLKKQLAVSVRNIQWSYGIFWSVSASQPGVLEWGDGYYNGDIKTRKTIQAAEVKIDQLGLERSEQLRELYESLSLA
ESSASGSSQVTRRASAAALSPEDLTDTEWYYLVCMSFVFNIGEGIPGGALSNGEPIWLCNAETADSKVFTRSLLAKSASL
QTVVCFPFLGGVLEIGTTEHIKEDMNVIQSVKTLFLEA
;
_entity_poly.pdbx_strand_id   A,B
#
# COMPACT_ATOMS: atom_id res chain seq x y z
N ASP A 4 -12.68 -20.75 4.08
CA ASP A 4 -12.76 -21.17 5.51
C ASP A 4 -12.59 -19.94 6.43
N ASN A 5 -12.32 -20.17 7.71
CA ASN A 5 -11.60 -19.25 8.63
C ASN A 5 -10.39 -20.03 9.19
N LEU A 6 -9.18 -19.55 8.88
CA LEU A 6 -7.93 -20.33 9.01
C LEU A 6 -7.05 -19.68 10.07
N LYS A 7 -7.55 -18.62 10.70
CA LYS A 7 -6.73 -17.73 11.55
C LYS A 7 -6.08 -18.54 12.65
N LYS A 8 -6.82 -19.40 13.33
CA LYS A 8 -6.29 -20.13 14.51
C LYS A 8 -5.26 -21.19 14.06
N GLN A 9 -5.53 -21.87 12.95
CA GLN A 9 -4.60 -22.86 12.37
C GLN A 9 -3.26 -22.20 12.03
N LEU A 10 -3.32 -21.08 11.32
CA LEU A 10 -2.11 -20.34 10.94
C LEU A 10 -1.35 -19.93 12.17
N ALA A 11 -2.04 -19.39 13.18
CA ALA A 11 -1.39 -18.93 14.43
C ALA A 11 -0.66 -20.09 15.10
N VAL A 12 -1.34 -21.22 15.36
CA VAL A 12 -0.73 -22.37 16.09
C VAL A 12 0.52 -22.81 15.33
N SER A 13 0.39 -22.99 14.02
CA SER A 13 1.48 -23.60 13.22
C SER A 13 2.69 -22.64 13.11
N VAL A 14 2.48 -21.36 12.85
CA VAL A 14 3.58 -20.39 12.77
C VAL A 14 4.27 -20.22 14.14
N ARG A 15 3.48 -20.10 15.23
CA ARG A 15 4.04 -19.83 16.57
C ARG A 15 4.86 -21.07 16.98
N ASN A 16 4.38 -22.26 16.62
CA ASN A 16 5.03 -23.53 17.01
C ASN A 16 6.40 -23.65 16.35
N ILE A 17 6.50 -23.37 15.05
CA ILE A 17 7.80 -23.54 14.33
C ILE A 17 8.67 -22.32 14.60
N GLN A 18 8.04 -21.27 15.16
CA GLN A 18 8.70 -20.00 15.54
C GLN A 18 9.26 -19.33 14.28
N TRP A 19 8.45 -19.21 13.24
CA TRP A 19 8.82 -18.38 12.08
C TRP A 19 8.13 -17.03 12.23
N SER A 20 8.34 -16.12 11.28
CA SER A 20 7.95 -14.71 11.35
C SER A 20 6.51 -14.51 10.93
N TYR A 21 5.99 -15.28 9.98
CA TYR A 21 4.61 -15.09 9.48
C TYR A 21 4.20 -16.28 8.63
N GLY A 22 2.89 -16.38 8.46
CA GLY A 22 2.28 -17.36 7.58
C GLY A 22 1.19 -16.68 6.80
N ILE A 23 1.00 -17.10 5.55
CA ILE A 23 -0.12 -16.68 4.70
C ILE A 23 -0.72 -17.93 4.06
N PHE A 24 -2.03 -18.02 4.03
CA PHE A 24 -2.77 -18.97 3.16
C PHE A 24 -3.31 -18.20 1.98
N TRP A 25 -2.78 -18.55 0.81
CA TRP A 25 -3.20 -18.09 -0.51
C TRP A 25 -4.29 -19.04 -1.01
N SER A 26 -5.46 -18.50 -1.25
CA SER A 26 -6.66 -19.28 -1.66
C SER A 26 -7.01 -18.97 -3.10
N VAL A 27 -7.54 -19.97 -3.78
CA VAL A 27 -7.96 -19.86 -5.21
C VAL A 27 -9.22 -19.00 -5.26
N SER A 28 -9.21 -17.97 -6.12
CA SER A 28 -10.35 -17.05 -6.39
C SER A 28 -11.60 -17.88 -6.70
N ALA A 29 -12.75 -17.53 -6.12
CA ALA A 29 -14.07 -18.13 -6.46
C ALA A 29 -14.40 -17.85 -7.94
N SER A 30 -14.04 -16.65 -8.42
CA SER A 30 -14.41 -16.14 -9.76
C SER A 30 -13.40 -16.64 -10.80
N GLN A 31 -12.10 -16.47 -10.55
CA GLN A 31 -11.04 -16.78 -11.53
C GLN A 31 -10.30 -18.06 -11.13
N PRO A 32 -10.63 -19.23 -11.72
CA PRO A 32 -9.85 -20.45 -11.52
C PRO A 32 -8.36 -20.22 -11.81
N GLY A 33 -7.48 -20.85 -11.04
CA GLY A 33 -6.02 -20.71 -11.15
C GLY A 33 -5.51 -19.30 -10.87
N VAL A 34 -6.24 -18.49 -10.09
CA VAL A 34 -5.73 -17.19 -9.56
C VAL A 34 -5.76 -17.30 -8.04
N LEU A 35 -4.59 -17.08 -7.41
CA LEU A 35 -4.42 -17.08 -5.94
C LEU A 35 -4.55 -15.65 -5.43
N GLU A 36 -5.23 -15.50 -4.32
CA GLU A 36 -5.37 -14.22 -3.62
C GLU A 36 -5.14 -14.48 -2.14
N TRP A 37 -4.97 -13.43 -1.38
CA TRP A 37 -4.74 -13.56 0.08
C TRP A 37 -5.97 -14.17 0.73
N GLY A 38 -5.79 -15.31 1.41
CA GLY A 38 -6.87 -16.00 2.13
C GLY A 38 -6.86 -15.58 3.59
N ASP A 39 -5.77 -15.83 4.29
CA ASP A 39 -5.66 -15.37 5.68
C ASP A 39 -4.20 -15.43 6.05
N GLY A 40 -3.86 -14.86 7.20
CA GLY A 40 -2.49 -14.89 7.65
C GLY A 40 -2.41 -14.77 9.12
N TYR A 41 -1.18 -14.94 9.57
CA TYR A 41 -0.76 -14.74 10.96
C TYR A 41 0.60 -14.06 10.92
N TYR A 42 0.71 -12.95 11.63
CA TYR A 42 1.97 -12.23 11.81
C TYR A 42 2.58 -12.58 13.16
N ASN A 43 3.82 -13.07 13.16
CA ASN A 43 4.53 -13.54 14.38
C ASN A 43 5.84 -12.78 14.52
N GLY A 44 5.98 -11.59 13.97
CA GLY A 44 7.28 -10.89 13.88
C GLY A 44 7.40 -9.82 14.96
N ASP A 45 8.42 -8.97 14.87
CA ASP A 45 8.68 -7.85 15.83
C ASP A 45 7.63 -6.75 15.62
N ILE A 46 7.35 -6.01 16.70
CA ILE A 46 6.51 -4.78 16.71
C ILE A 46 7.32 -3.70 17.45
N LYS A 47 6.97 -2.44 17.27
CA LYS A 47 7.69 -1.32 17.92
C LYS A 47 6.69 -0.42 18.65
N THR A 48 5.42 -0.83 18.68
CA THR A 48 4.26 0.03 19.04
C THR A 48 3.16 -0.86 19.59
N ARG A 49 2.72 -0.60 20.83
CA ARG A 49 1.53 -1.24 21.46
C ARG A 49 0.46 -0.17 21.68
N ILE A 59 -9.66 -13.12 26.51
CA ILE A 59 -8.38 -13.90 26.55
C ILE A 59 -7.95 -14.23 25.11
N ASP A 60 -6.86 -13.63 24.65
CA ASP A 60 -6.32 -13.80 23.27
C ASP A 60 -5.16 -14.80 23.38
N GLN A 61 -5.47 -16.11 23.57
CA GLN A 61 -4.48 -17.21 23.82
C GLN A 61 -3.41 -17.20 22.72
N LEU A 62 -3.82 -17.02 21.46
CA LEU A 62 -2.92 -17.15 20.27
C LEU A 62 -2.37 -15.81 19.77
N GLY A 63 -2.56 -14.71 20.48
CA GLY A 63 -1.97 -13.44 20.02
C GLY A 63 -2.44 -13.08 18.61
N LEU A 64 -3.75 -13.20 18.33
CA LEU A 64 -4.39 -12.86 17.03
C LEU A 64 -4.53 -11.34 16.87
N GLU A 65 -4.47 -10.56 17.95
CA GLU A 65 -4.85 -9.13 17.89
C GLU A 65 -4.02 -8.36 16.85
N ARG A 66 -2.69 -8.41 16.93
CA ARG A 66 -1.82 -7.64 16.00
C ARG A 66 -2.16 -8.03 14.56
N SER A 67 -2.37 -9.31 14.24
CA SER A 67 -2.76 -9.80 12.89
C SER A 67 -4.10 -9.15 12.50
N GLU A 68 -5.08 -9.12 13.41
CA GLU A 68 -6.42 -8.50 13.12
C GLU A 68 -6.24 -6.99 12.91
N GLN A 69 -5.35 -6.35 13.65
CA GLN A 69 -5.10 -4.89 13.52
C GLN A 69 -4.40 -4.58 12.18
N LEU A 70 -3.47 -5.44 11.75
CA LEU A 70 -2.73 -5.23 10.48
C LEU A 70 -3.72 -5.38 9.33
N ARG A 71 -4.63 -6.32 9.45
CA ARG A 71 -5.72 -6.49 8.48
C ARG A 71 -6.59 -5.24 8.46
N GLU A 72 -6.98 -4.72 9.62
CA GLU A 72 -7.90 -3.56 9.69
C GLU A 72 -7.23 -2.36 9.01
N LEU A 73 -5.95 -2.11 9.27
CA LEU A 73 -5.15 -1.04 8.65
C LEU A 73 -5.09 -1.27 7.15
N TYR A 74 -4.84 -2.49 6.69
CA TYR A 74 -4.81 -2.78 5.23
C TYR A 74 -6.14 -2.38 4.60
N GLU A 75 -7.24 -2.77 5.20
CA GLU A 75 -8.59 -2.52 4.65
C GLU A 75 -8.83 -1.02 4.56
N SER A 76 -8.36 -0.24 5.52
CA SER A 76 -8.58 1.22 5.51
C SER A 76 -7.64 1.86 4.47
N LEU A 77 -6.42 1.40 4.29
CA LEU A 77 -5.52 1.94 3.30
C LEU A 77 -5.91 1.57 1.87
N SER A 78 -6.58 0.45 1.71
CA SER A 78 -7.03 0.01 0.40
C SER A 78 -8.46 0.42 0.14
N LEU A 79 -9.03 1.16 1.04
CA LEU A 79 -10.40 1.61 0.99
C LEU A 79 -11.34 0.45 0.76
N ALA A 97 -8.03 -0.09 19.52
CA ALA A 97 -6.70 0.54 19.37
C ALA A 97 -6.21 0.41 17.93
N ALA A 98 -6.83 1.12 17.00
CA ALA A 98 -6.46 0.99 15.57
C ALA A 98 -5.02 1.46 15.35
N LEU A 99 -4.36 0.80 14.41
CA LEU A 99 -2.97 1.17 14.12
C LEU A 99 -2.94 2.27 13.07
N SER A 100 -1.93 3.13 13.15
CA SER A 100 -1.67 4.04 12.03
C SER A 100 -0.40 3.59 11.33
N PRO A 101 -0.19 3.99 10.05
CA PRO A 101 0.99 3.54 9.30
C PRO A 101 2.35 3.68 9.99
N GLU A 102 2.58 4.77 10.70
CA GLU A 102 3.87 5.07 11.40
C GLU A 102 4.13 4.07 12.54
N ASP A 103 3.12 3.36 12.99
CA ASP A 103 3.23 2.38 14.09
C ASP A 103 3.98 1.11 13.63
N LEU A 104 4.00 0.80 12.32
CA LEU A 104 4.47 -0.53 11.82
C LEU A 104 5.98 -0.64 11.73
N THR A 105 6.52 -1.82 11.98
CA THR A 105 7.91 -2.14 11.59
C THR A 105 7.94 -2.45 10.10
N ASP A 106 9.15 -2.52 9.54
CA ASP A 106 9.36 -2.86 8.11
C ASP A 106 8.85 -4.30 7.88
N THR A 107 9.00 -5.21 8.84
CA THR A 107 8.49 -6.61 8.66
C THR A 107 6.96 -6.62 8.61
N GLU A 108 6.30 -5.82 9.45
CA GLU A 108 4.83 -5.67 9.42
C GLU A 108 4.41 -5.13 8.06
N TRP A 109 5.20 -4.24 7.43
CA TRP A 109 4.80 -3.69 6.11
C TRP A 109 4.82 -4.78 5.03
N TYR A 110 5.82 -5.66 5.06
CA TYR A 110 5.86 -6.84 4.15
C TYR A 110 4.56 -7.61 4.29
N TYR A 111 4.19 -7.91 5.55
CA TYR A 111 2.98 -8.69 5.87
C TYR A 111 1.75 -8.00 5.30
N LEU A 112 1.65 -6.71 5.53
CA LEU A 112 0.45 -5.94 5.13
C LEU A 112 0.39 -5.82 3.62
N VAL A 113 1.50 -5.46 2.95
CA VAL A 113 1.39 -5.25 1.47
C VAL A 113 1.15 -6.59 0.75
N CYS A 114 1.57 -7.74 1.34
CA CYS A 114 1.19 -9.06 0.74
C CYS A 114 -0.32 -9.21 0.57
N MET A 115 -1.15 -8.56 1.39
CA MET A 115 -2.61 -8.68 1.28
C MET A 115 -3.14 -8.19 -0.07
N SER A 116 -2.37 -7.35 -0.79
CA SER A 116 -2.85 -6.75 -2.06
C SER A 116 -2.53 -7.68 -3.23
N PHE A 117 -1.63 -8.66 -3.06
CA PHE A 117 -1.04 -9.42 -4.18
C PHE A 117 -1.99 -10.53 -4.67
N VAL A 118 -1.98 -10.73 -5.98
CA VAL A 118 -2.80 -11.75 -6.67
C VAL A 118 -1.83 -12.45 -7.64
N PHE A 119 -1.83 -13.77 -7.69
CA PHE A 119 -0.90 -14.57 -8.49
C PHE A 119 -1.68 -15.47 -9.46
N ASN A 120 -1.36 -15.36 -10.75
CA ASN A 120 -1.80 -16.34 -11.76
C ASN A 120 -1.09 -17.66 -11.51
N ILE A 121 -1.74 -18.79 -11.77
CA ILE A 121 -1.04 -20.10 -11.70
C ILE A 121 0.24 -19.94 -12.53
N GLY A 122 1.36 -20.45 -12.05
CA GLY A 122 2.65 -20.32 -12.71
C GLY A 122 3.41 -19.11 -12.21
N GLU A 123 2.74 -18.12 -11.64
CA GLU A 123 3.32 -16.77 -11.37
C GLU A 123 3.87 -16.70 -9.94
N GLY A 124 5.13 -16.28 -9.78
CA GLY A 124 5.78 -16.12 -8.47
C GLY A 124 5.87 -17.42 -7.68
N ILE A 125 6.25 -17.34 -6.41
CA ILE A 125 6.47 -18.58 -5.65
C ILE A 125 5.10 -19.18 -5.30
N PRO A 126 4.04 -18.45 -4.93
CA PRO A 126 2.75 -19.12 -4.66
C PRO A 126 2.14 -19.74 -5.93
N GLY A 127 2.15 -19.03 -7.06
CA GLY A 127 1.66 -19.55 -8.35
C GLY A 127 2.49 -20.70 -8.84
N GLY A 128 3.81 -20.62 -8.63
CA GLY A 128 4.74 -21.71 -8.89
C GLY A 128 4.44 -22.95 -8.10
N ALA A 129 4.17 -22.78 -6.81
CA ALA A 129 3.92 -23.94 -5.94
C ALA A 129 2.58 -24.58 -6.35
N LEU A 130 1.57 -23.78 -6.71
CA LEU A 130 0.26 -24.31 -7.14
C LEU A 130 0.44 -25.11 -8.45
N SER A 131 1.17 -24.56 -9.40
CA SER A 131 1.35 -25.17 -10.74
C SER A 131 2.18 -26.46 -10.64
N ASN A 132 3.35 -26.38 -10.00
CA ASN A 132 4.29 -27.51 -9.80
C ASN A 132 3.69 -28.57 -8.88
N GLY A 133 2.80 -28.18 -7.97
CA GLY A 133 2.25 -29.14 -7.00
C GLY A 133 3.32 -29.62 -6.03
N GLU A 134 4.28 -28.78 -5.68
CA GLU A 134 5.24 -29.15 -4.62
C GLU A 134 5.91 -27.90 -4.05
N PRO A 135 6.65 -28.03 -2.93
CA PRO A 135 7.26 -26.87 -2.29
C PRO A 135 8.31 -26.14 -3.13
N ILE A 136 8.36 -24.83 -2.92
CA ILE A 136 9.48 -23.95 -3.32
C ILE A 136 10.07 -23.40 -2.02
N TRP A 137 11.32 -23.74 -1.74
CA TRP A 137 12.06 -23.36 -0.52
C TRP A 137 13.09 -22.31 -0.89
N LEU A 138 12.83 -21.03 -0.64
CA LEU A 138 13.81 -19.95 -0.91
C LEU A 138 14.64 -19.69 0.34
N CYS A 139 15.93 -20.04 0.31
CA CYS A 139 16.97 -19.46 1.20
C CYS A 139 17.54 -18.21 0.53
N ASN A 140 18.13 -17.28 1.29
CA ASN A 140 18.63 -15.98 0.79
C ASN A 140 17.57 -15.34 -0.13
N ALA A 141 16.31 -15.45 0.29
CA ALA A 141 15.09 -14.96 -0.41
C ALA A 141 15.30 -13.51 -0.84
N GLU A 142 16.13 -12.79 -0.10
CA GLU A 142 16.36 -11.35 -0.34
C GLU A 142 17.12 -11.16 -1.66
N THR A 143 17.86 -12.19 -2.13
CA THR A 143 18.68 -12.17 -3.37
C THR A 143 18.05 -12.98 -4.51
N ALA A 144 16.82 -13.48 -4.34
CA ALA A 144 16.16 -14.35 -5.35
C ALA A 144 15.88 -13.52 -6.60
N ASP A 145 16.05 -14.14 -7.78
CA ASP A 145 15.68 -13.53 -9.09
C ASP A 145 14.22 -13.04 -9.03
N SER A 146 13.95 -11.83 -9.45
CA SER A 146 12.63 -11.15 -9.40
C SER A 146 11.62 -11.82 -10.34
N LYS A 147 12.04 -12.83 -11.09
CA LYS A 147 11.08 -13.58 -11.93
C LYS A 147 10.74 -14.90 -11.25
N VAL A 148 11.56 -15.34 -10.28
CA VAL A 148 11.19 -16.48 -9.38
C VAL A 148 10.38 -15.91 -8.22
N PHE A 149 10.94 -14.92 -7.52
CA PHE A 149 10.33 -14.33 -6.31
C PHE A 149 10.14 -12.84 -6.51
N THR A 150 8.93 -12.45 -6.84
CA THR A 150 8.51 -11.06 -7.13
C THR A 150 8.77 -10.17 -5.90
N ARG A 151 8.82 -10.72 -4.68
CA ARG A 151 8.89 -9.91 -3.45
C ARG A 151 10.33 -9.82 -2.88
N SER A 152 11.38 -10.10 -3.66
CA SER A 152 12.73 -10.29 -3.04
C SER A 152 13.22 -8.99 -2.37
N LEU A 153 12.88 -7.82 -2.93
CA LEU A 153 13.33 -6.52 -2.38
C LEU A 153 12.46 -6.13 -1.16
N LEU A 154 11.17 -6.47 -1.17
CA LEU A 154 10.31 -6.28 0.01
C LEU A 154 10.84 -7.21 1.10
N ALA A 155 11.19 -8.44 0.76
CA ALA A 155 11.79 -9.38 1.74
C ALA A 155 13.07 -8.76 2.32
N LYS A 156 13.90 -8.17 1.46
CA LYS A 156 15.17 -7.57 1.92
C LYS A 156 14.89 -6.47 2.95
N SER A 157 13.93 -5.56 2.71
CA SER A 157 13.66 -4.43 3.62
C SER A 157 13.09 -4.95 4.95
N ALA A 158 12.50 -6.15 4.96
CA ALA A 158 11.86 -6.77 6.16
C ALA A 158 12.84 -7.72 6.85
N SER A 159 14.08 -7.79 6.41
CA SER A 159 15.09 -8.74 6.94
C SER A 159 14.62 -10.21 6.83
N LEU A 160 13.70 -10.50 5.91
CA LEU A 160 13.24 -11.90 5.72
C LEU A 160 14.25 -12.62 4.84
N GLN A 161 14.80 -13.73 5.35
CA GLN A 161 15.88 -14.51 4.71
C GLN A 161 15.33 -15.79 4.07
N THR A 162 14.37 -16.47 4.71
CA THR A 162 13.89 -17.79 4.26
C THR A 162 12.39 -17.71 4.00
N VAL A 163 11.95 -18.08 2.80
CA VAL A 163 10.50 -18.05 2.42
C VAL A 163 10.13 -19.36 1.73
N VAL A 164 9.03 -19.97 2.14
CA VAL A 164 8.66 -21.33 1.70
C VAL A 164 7.17 -21.30 1.34
N CYS A 165 6.84 -21.83 0.17
CA CYS A 165 5.44 -21.98 -0.32
C CYS A 165 5.21 -23.44 -0.67
N PHE A 166 4.05 -23.97 -0.34
CA PHE A 166 3.74 -25.35 -0.70
C PHE A 166 2.24 -25.49 -0.87
N PRO A 167 1.81 -26.41 -1.79
CA PRO A 167 0.40 -26.70 -1.92
C PRO A 167 -0.12 -27.30 -0.63
N PHE A 168 -1.34 -26.91 -0.31
CA PHE A 168 -2.02 -27.34 0.91
C PHE A 168 -3.48 -26.93 0.87
N LEU A 169 -4.38 -27.84 1.24
CA LEU A 169 -5.83 -27.58 1.33
C LEU A 169 -6.41 -26.94 0.07
N GLY A 170 -5.93 -27.26 -1.13
CA GLY A 170 -6.49 -26.70 -2.36
C GLY A 170 -6.02 -25.27 -2.61
N GLY A 171 -5.11 -24.76 -1.78
CA GLY A 171 -4.46 -23.45 -1.99
C GLY A 171 -2.97 -23.59 -1.81
N VAL A 172 -2.33 -22.52 -1.35
CA VAL A 172 -0.88 -22.50 -1.10
C VAL A 172 -0.61 -21.86 0.27
N LEU A 173 0.12 -22.56 1.12
CA LEU A 173 0.56 -22.09 2.44
C LEU A 173 2.00 -21.57 2.27
N GLU A 174 2.21 -20.31 2.65
CA GLU A 174 3.53 -19.64 2.69
C GLU A 174 3.94 -19.33 4.12
N ILE A 175 5.18 -19.64 4.46
CA ILE A 175 5.80 -19.31 5.76
C ILE A 175 7.12 -18.61 5.44
N GLY A 176 7.47 -17.61 6.22
CA GLY A 176 8.78 -16.96 6.09
C GLY A 176 9.35 -16.61 7.44
N THR A 177 10.68 -16.43 7.49
CA THR A 177 11.40 -16.11 8.74
C THR A 177 12.61 -15.25 8.42
N THR A 178 12.96 -14.43 9.39
CA THR A 178 14.16 -13.55 9.37
C THR A 178 15.39 -14.43 9.52
N GLU A 179 15.23 -15.68 9.92
CA GLU A 179 16.36 -16.63 10.08
C GLU A 179 16.69 -17.35 8.77
N HIS A 180 17.96 -17.73 8.61
CA HIS A 180 18.44 -18.56 7.49
C HIS A 180 18.23 -20.01 7.87
N ILE A 181 17.27 -20.72 7.26
CA ILE A 181 17.00 -22.15 7.55
C ILE A 181 17.15 -22.94 6.24
N LYS A 182 18.14 -23.83 6.19
CA LYS A 182 18.36 -24.73 5.04
C LYS A 182 17.11 -25.60 4.86
N GLU A 183 16.83 -25.90 3.59
CA GLU A 183 15.72 -26.77 3.14
C GLU A 183 15.58 -27.94 4.08
N ASP A 184 14.42 -28.03 4.74
CA ASP A 184 14.04 -29.07 5.72
C ASP A 184 12.54 -29.42 5.55
N MET A 185 12.25 -30.43 4.76
CA MET A 185 10.87 -30.92 4.50
C MET A 185 10.18 -31.31 5.80
N ASN A 186 10.90 -31.61 6.87
CA ASN A 186 10.30 -31.88 8.21
C ASN A 186 9.58 -30.64 8.75
N VAL A 187 10.05 -29.42 8.41
CA VAL A 187 9.37 -28.14 8.80
C VAL A 187 8.00 -28.13 8.12
N ILE A 188 7.93 -28.48 6.83
CA ILE A 188 6.65 -28.46 6.06
C ILE A 188 5.75 -29.53 6.68
N GLN A 189 6.28 -30.74 6.89
CA GLN A 189 5.48 -31.81 7.52
C GLN A 189 4.99 -31.28 8.87
N SER A 190 5.89 -30.65 9.61
CA SER A 190 5.55 -30.22 10.99
C SER A 190 4.43 -29.17 10.93
N VAL A 191 4.48 -28.22 9.98
CA VAL A 191 3.41 -27.18 9.84
C VAL A 191 2.08 -27.81 9.44
N LYS A 192 2.07 -28.71 8.46
CA LYS A 192 0.81 -29.33 7.99
C LYS A 192 0.16 -30.05 9.15
N THR A 193 0.92 -30.81 9.92
CA THR A 193 0.39 -31.60 11.04
C THR A 193 -0.19 -30.68 12.12
N LEU A 194 0.62 -29.69 12.54
CA LEU A 194 0.23 -28.68 13.58
C LEU A 194 -1.04 -28.01 13.09
N PHE A 195 -1.05 -27.65 11.82
CA PHE A 195 -2.20 -26.99 11.19
C PHE A 195 -3.42 -27.87 11.29
N LEU A 196 -3.34 -29.12 10.85
CA LEU A 196 -4.55 -29.98 10.82
C LEU A 196 -4.94 -30.45 12.23
N GLU A 197 -4.05 -30.43 13.21
CA GLU A 197 -4.45 -30.88 14.58
C GLU A 197 -4.84 -29.68 15.46
N ALA A 198 -4.52 -28.44 15.06
CA ALA A 198 -4.83 -27.20 15.83
C ALA A 198 -6.27 -27.26 16.41
N ASP B 4 4.37 13.60 -21.57
CA ASP B 4 5.39 13.80 -20.49
C ASP B 4 4.65 14.17 -19.19
N ASN B 5 5.18 15.12 -18.40
CA ASN B 5 4.87 15.20 -16.94
C ASN B 5 4.69 16.64 -16.43
N LEU B 6 4.14 16.70 -15.23
CA LEU B 6 3.57 17.90 -14.61
C LEU B 6 4.29 18.18 -13.30
N LYS B 7 5.38 17.47 -13.06
CA LYS B 7 6.06 17.48 -11.75
C LYS B 7 6.43 18.90 -11.39
N LYS B 8 7.05 19.66 -12.29
CA LYS B 8 7.49 21.05 -11.98
C LYS B 8 6.28 21.98 -11.79
N GLN B 9 5.26 21.81 -12.59
CA GLN B 9 4.05 22.59 -12.47
C GLN B 9 3.37 22.39 -11.13
N LEU B 10 3.23 21.14 -10.73
CA LEU B 10 2.65 20.80 -9.44
C LEU B 10 3.49 21.38 -8.32
N ALA B 11 4.82 21.21 -8.39
CA ALA B 11 5.72 21.71 -7.35
C ALA B 11 5.54 23.23 -7.18
N VAL B 12 5.71 24.01 -8.26
CA VAL B 12 5.61 25.49 -8.18
C VAL B 12 4.27 25.87 -7.54
N SER B 13 3.17 25.30 -8.03
CA SER B 13 1.83 25.75 -7.60
C SER B 13 1.54 25.37 -6.14
N VAL B 14 1.84 24.14 -5.71
CA VAL B 14 1.63 23.74 -4.32
C VAL B 14 2.55 24.53 -3.36
N ARG B 15 3.83 24.72 -3.70
CA ARG B 15 4.80 25.39 -2.81
C ARG B 15 4.37 26.86 -2.70
N ASN B 16 3.84 27.43 -3.78
CA ASN B 16 3.44 28.85 -3.80
C ASN B 16 2.25 29.08 -2.86
N ILE B 17 1.21 28.24 -2.94
CA ILE B 17 0.00 28.45 -2.09
C ILE B 17 0.28 27.93 -0.68
N GLN B 18 1.38 27.17 -0.52
CA GLN B 18 1.85 26.62 0.77
C GLN B 18 0.78 25.65 1.30
N TRP B 19 0.33 24.75 0.43
CA TRP B 19 -0.52 23.62 0.89
C TRP B 19 0.37 22.39 1.05
N SER B 20 -0.19 21.26 1.49
CA SER B 20 0.53 20.05 1.90
C SER B 20 0.90 19.20 0.69
N TYR B 21 0.06 19.14 -0.36
CA TYR B 21 0.29 18.26 -1.53
C TYR B 21 -0.65 18.61 -2.66
N GLY B 22 -0.27 18.19 -3.84
CA GLY B 22 -1.10 18.26 -5.05
C GLY B 22 -1.00 16.95 -5.79
N ILE B 23 -2.08 16.55 -6.43
CA ILE B 23 -2.17 15.38 -7.34
C ILE B 23 -2.88 15.83 -8.61
N PHE B 24 -2.37 15.43 -9.74
CA PHE B 24 -3.06 15.52 -11.04
C PHE B 24 -3.57 14.14 -11.36
N TRP B 25 -4.89 13.99 -11.34
CA TRP B 25 -5.61 12.80 -11.78
C TRP B 25 -5.86 12.91 -13.27
N SER B 26 -5.36 11.95 -14.03
CA SER B 26 -5.45 11.94 -15.51
C SER B 26 -6.39 10.83 -15.98
N VAL B 27 -7.09 11.08 -17.08
CA VAL B 27 -8.06 10.11 -17.67
C VAL B 27 -7.25 8.98 -18.30
N SER B 28 -7.61 7.74 -17.95
CA SER B 28 -7.01 6.49 -18.50
C SER B 28 -7.01 6.57 -20.04
N ALA B 29 -5.89 6.26 -20.69
CA ALA B 29 -5.83 6.09 -22.17
C ALA B 29 -6.78 4.95 -22.59
N SER B 30 -6.86 3.88 -21.80
CA SER B 30 -7.59 2.63 -22.13
C SER B 30 -9.08 2.79 -21.79
N GLN B 31 -9.41 3.43 -20.66
CA GLN B 31 -10.78 3.46 -20.11
C GLN B 31 -11.29 4.90 -20.04
N PRO B 32 -12.00 5.37 -21.09
CA PRO B 32 -12.78 6.60 -21.02
C PRO B 32 -13.47 6.81 -19.66
N GLY B 33 -13.40 8.04 -19.14
CA GLY B 33 -14.09 8.43 -17.90
C GLY B 33 -13.54 7.77 -16.65
N VAL B 34 -12.37 7.13 -16.68
CA VAL B 34 -11.71 6.59 -15.45
C VAL B 34 -10.48 7.44 -15.19
N LEU B 35 -10.37 7.98 -13.96
CA LEU B 35 -9.20 8.78 -13.50
C LEU B 35 -8.21 7.85 -12.80
N GLU B 36 -6.94 8.09 -13.02
CA GLU B 36 -5.87 7.38 -12.29
C GLU B 36 -4.83 8.43 -11.89
N TRP B 37 -3.91 8.05 -11.04
CA TRP B 37 -2.86 8.99 -10.58
C TRP B 37 -1.99 9.37 -11.76
N GLY B 38 -1.92 10.67 -12.08
CA GLY B 38 -1.09 11.20 -13.17
C GLY B 38 0.27 11.62 -12.62
N ASP B 39 0.32 12.51 -11.65
CA ASP B 39 1.57 13.02 -11.07
C ASP B 39 1.22 13.68 -9.75
N GLY B 40 2.21 13.97 -8.92
CA GLY B 40 1.97 14.70 -7.69
C GLY B 40 3.19 15.38 -7.22
N TYR B 41 2.98 16.17 -6.18
CA TYR B 41 4.01 16.87 -5.41
C TYR B 41 3.61 16.78 -3.96
N TYR B 42 4.54 16.29 -3.14
CA TYR B 42 4.41 16.22 -1.68
C TYR B 42 5.12 17.42 -1.07
N ASN B 43 4.40 18.25 -0.31
CA ASN B 43 4.94 19.47 0.30
C ASN B 43 4.76 19.41 1.81
N GLY B 44 4.64 18.24 2.41
CA GLY B 44 4.24 18.10 3.83
C GLY B 44 5.46 17.88 4.74
N ASP B 45 5.22 17.51 5.98
CA ASP B 45 6.28 17.19 6.99
C ASP B 45 6.93 15.86 6.63
N ILE B 46 8.19 15.73 7.02
CA ILE B 46 9.00 14.48 6.94
C ILE B 46 9.64 14.27 8.32
N LYS B 47 10.14 13.09 8.61
CA LYS B 47 10.75 12.81 9.94
C LYS B 47 12.12 12.15 9.81
N THR B 48 12.80 12.20 8.65
CA THR B 48 14.05 11.41 8.40
C THR B 48 15.30 12.26 8.15
N ARG B 49 15.32 12.91 6.98
CA ARG B 49 16.50 13.54 6.32
C ARG B 49 17.54 12.46 6.03
N LYS B 58 24.26 18.53 -8.88
CA LYS B 58 22.84 18.67 -9.33
C LYS B 58 22.03 19.46 -8.30
N ILE B 59 21.35 20.54 -8.74
CA ILE B 59 20.59 21.48 -7.86
C ILE B 59 19.09 21.17 -7.98
N ASP B 60 18.43 20.90 -6.85
CA ASP B 60 16.99 20.51 -6.80
C ASP B 60 16.23 21.76 -6.33
N GLN B 61 16.10 22.77 -7.23
CA GLN B 61 15.45 24.10 -6.95
C GLN B 61 14.10 23.89 -6.28
N LEU B 62 13.28 22.95 -6.78
CA LEU B 62 11.86 22.77 -6.35
C LEU B 62 11.64 21.64 -5.34
N GLY B 63 12.70 21.10 -4.73
CA GLY B 63 12.50 20.07 -3.70
C GLY B 63 11.67 18.90 -4.23
N LEU B 64 11.97 18.41 -5.45
CA LEU B 64 11.30 17.25 -6.11
C LEU B 64 11.75 15.92 -5.51
N GLU B 65 12.89 15.87 -4.80
CA GLU B 65 13.49 14.58 -4.42
C GLU B 65 12.53 13.73 -3.57
N ARG B 66 11.99 14.28 -2.48
CA ARG B 66 11.12 13.46 -1.58
C ARG B 66 9.92 12.92 -2.37
N SER B 67 9.31 13.69 -3.29
CA SER B 67 8.17 13.27 -4.16
C SER B 67 8.65 12.09 -5.01
N GLU B 68 9.84 12.20 -5.61
CA GLU B 68 10.45 11.12 -6.45
C GLU B 68 10.72 9.90 -5.57
N GLN B 69 11.16 10.10 -4.34
CA GLN B 69 11.45 8.95 -3.45
C GLN B 69 10.13 8.25 -3.03
N LEU B 70 9.06 9.01 -2.79
CA LEU B 70 7.75 8.46 -2.33
C LEU B 70 7.19 7.64 -3.50
N ARG B 71 7.38 8.13 -4.70
CA ARG B 71 6.98 7.37 -5.90
C ARG B 71 7.78 6.08 -6.00
N GLU B 72 9.09 6.15 -5.82
CA GLU B 72 9.97 4.96 -5.94
C GLU B 72 9.47 3.91 -4.92
N LEU B 73 9.22 4.32 -3.68
CA LEU B 73 8.77 3.41 -2.60
C LEU B 73 7.42 2.83 -3.00
N TYR B 74 6.50 3.63 -3.52
CA TYR B 74 5.19 3.12 -4.01
C TYR B 74 5.39 2.02 -5.06
N GLU B 75 6.27 2.21 -6.02
CA GLU B 75 6.48 1.25 -7.14
C GLU B 75 7.02 -0.07 -6.56
N SER B 76 7.92 -0.02 -5.59
CA SER B 76 8.46 -1.23 -4.92
CA SER B 76 8.46 -1.22 -4.90
C SER B 76 7.33 -1.93 -4.14
N LEU B 77 6.51 -1.19 -3.38
CA LEU B 77 5.42 -1.79 -2.57
C LEU B 77 4.33 -2.39 -3.48
N SER B 78 4.23 -1.96 -4.75
CA SER B 78 3.14 -2.42 -5.65
CA SER B 78 3.17 -2.34 -5.72
C SER B 78 3.67 -3.41 -6.69
N LEU B 79 4.97 -3.73 -6.67
CA LEU B 79 5.62 -4.73 -7.57
C LEU B 79 5.30 -4.45 -9.05
N ALA B 96 19.98 4.48 -3.96
CA ALA B 96 20.70 5.68 -3.48
C ALA B 96 19.73 6.54 -2.66
N ALA B 97 19.70 6.34 -1.34
CA ALA B 97 18.82 7.04 -0.36
C ALA B 97 17.35 6.67 -0.60
N ALA B 98 17.07 5.44 -1.02
CA ALA B 98 15.68 4.91 -1.14
C ALA B 98 15.02 4.91 0.24
N LEU B 99 13.71 5.20 0.30
CA LEU B 99 13.03 5.23 1.60
C LEU B 99 12.63 3.79 1.95
N SER B 100 12.53 3.54 3.23
CA SER B 100 11.85 2.34 3.77
CA SER B 100 11.83 2.33 3.73
C SER B 100 10.51 2.77 4.34
N PRO B 101 9.50 1.87 4.40
CA PRO B 101 8.20 2.23 4.97
C PRO B 101 8.23 2.94 6.33
N GLU B 102 9.09 2.49 7.24
CA GLU B 102 9.21 3.08 8.61
C GLU B 102 9.70 4.54 8.57
N ASP B 103 10.25 4.97 7.44
CA ASP B 103 10.78 6.34 7.27
C ASP B 103 9.65 7.37 7.14
N LEU B 104 8.44 6.94 6.75
CA LEU B 104 7.34 7.89 6.33
C LEU B 104 6.56 8.44 7.52
N THR B 105 6.12 9.69 7.40
CA THR B 105 5.10 10.27 8.30
C THR B 105 3.71 9.78 7.84
N ASP B 106 2.70 9.95 8.67
CA ASP B 106 1.31 9.56 8.35
C ASP B 106 0.83 10.43 7.17
N THR B 107 1.27 11.68 7.02
CA THR B 107 0.85 12.52 5.85
C THR B 107 1.48 11.96 4.57
N GLU B 108 2.75 11.52 4.60
CA GLU B 108 3.41 10.87 3.47
C GLU B 108 2.65 9.60 3.09
N TRP B 109 2.10 8.85 4.05
CA TRP B 109 1.34 7.62 3.70
C TRP B 109 0.06 7.98 2.95
N TYR B 110 -0.64 9.02 3.33
CA TYR B 110 -1.83 9.48 2.55
C TYR B 110 -1.40 9.67 1.10
N TYR B 111 -0.30 10.41 0.90
CA TYR B 111 0.22 10.78 -0.42
C TYR B 111 0.55 9.52 -1.21
N LEU B 112 1.23 8.60 -0.57
CA LEU B 112 1.70 7.37 -1.25
C LEU B 112 0.49 6.49 -1.59
N VAL B 113 -0.43 6.25 -0.64
CA VAL B 113 -1.53 5.27 -1.00
C VAL B 113 -2.50 5.90 -2.02
N CYS B 114 -2.62 7.22 -2.10
CA CYS B 114 -3.38 7.83 -3.23
C CYS B 114 -2.89 7.34 -4.59
N MET B 115 -1.62 7.01 -4.76
CA MET B 115 -1.11 6.52 -6.07
C MET B 115 -1.83 5.26 -6.55
N SER B 116 -2.47 4.51 -5.64
CA SER B 116 -3.13 3.23 -6.01
C SER B 116 -4.55 3.49 -6.50
N PHE B 117 -5.14 4.65 -6.19
CA PHE B 117 -6.60 4.87 -6.33
C PHE B 117 -6.97 5.13 -7.81
N VAL B 118 -8.12 4.61 -8.19
CA VAL B 118 -8.72 4.78 -9.54
C VAL B 118 -10.18 5.19 -9.32
N PHE B 119 -10.68 6.16 -10.07
CA PHE B 119 -12.03 6.72 -9.89
C PHE B 119 -12.80 6.68 -11.21
N ASN B 120 -13.96 6.05 -11.18
CA ASN B 120 -14.98 6.16 -12.24
C ASN B 120 -15.52 7.57 -12.26
N ILE B 121 -15.81 8.10 -13.44
CA ILE B 121 -16.55 9.39 -13.53
C ILE B 121 -17.74 9.26 -12.56
N GLY B 122 -17.99 10.31 -11.81
CA GLY B 122 -19.05 10.35 -10.79
C GLY B 122 -18.55 9.90 -9.44
N GLU B 123 -17.44 9.17 -9.35
CA GLU B 123 -17.01 8.46 -8.12
C GLU B 123 -16.04 9.31 -7.30
N GLY B 124 -16.35 9.53 -6.02
CA GLY B 124 -15.51 10.29 -5.09
C GLY B 124 -15.29 11.73 -5.53
N ILE B 125 -14.37 12.42 -4.90
CA ILE B 125 -14.28 13.87 -5.17
C ILE B 125 -13.60 14.05 -6.53
N PRO B 126 -12.56 13.29 -6.95
CA PRO B 126 -11.98 13.49 -8.29
C PRO B 126 -13.00 13.15 -9.40
N GLY B 127 -13.66 11.99 -9.30
CA GLY B 127 -14.73 11.58 -10.24
C GLY B 127 -15.90 12.55 -10.23
N GLY B 128 -16.27 13.03 -9.05
CA GLY B 128 -17.31 14.07 -8.90
C GLY B 128 -16.95 15.35 -9.60
N ALA B 129 -15.69 15.78 -9.46
CA ALA B 129 -15.24 17.03 -10.07
C ALA B 129 -15.24 16.88 -11.60
N LEU B 130 -14.82 15.72 -12.13
CA LEU B 130 -14.78 15.47 -13.58
C LEU B 130 -16.22 15.48 -14.13
N SER B 131 -17.12 14.82 -13.44
CA SER B 131 -18.54 14.68 -13.90
C SER B 131 -19.24 16.06 -13.85
N ASN B 132 -19.20 16.72 -12.72
CA ASN B 132 -19.86 18.02 -12.48
C ASN B 132 -19.19 19.14 -13.29
N GLY B 133 -17.91 19.00 -13.62
CA GLY B 133 -17.19 20.06 -14.34
C GLY B 133 -17.03 21.29 -13.45
N GLU B 134 -16.88 21.11 -12.16
CA GLU B 134 -16.55 22.29 -11.30
C GLU B 134 -15.93 21.82 -10.01
N PRO B 135 -15.38 22.74 -9.19
CA PRO B 135 -14.72 22.37 -7.94
C PRO B 135 -15.62 21.76 -6.88
N ILE B 136 -15.03 20.87 -6.12
CA ILE B 136 -15.52 20.35 -4.84
C ILE B 136 -14.50 20.77 -3.79
N TRP B 137 -14.93 21.64 -2.88
CA TRP B 137 -14.09 22.22 -1.79
C TRP B 137 -14.54 21.58 -0.48
N LEU B 138 -13.81 20.58 0.00
CA LEU B 138 -14.06 19.92 1.30
C LEU B 138 -13.30 20.64 2.41
N CYS B 139 -14.01 21.37 3.28
CA CYS B 139 -13.53 21.71 4.63
C CYS B 139 -13.89 20.56 5.58
N ASN B 140 -13.23 20.47 6.73
CA ASN B 140 -13.34 19.34 7.71
C ASN B 140 -13.38 17.99 6.98
N ALA B 141 -12.53 17.86 5.95
CA ALA B 141 -12.43 16.69 5.04
C ALA B 141 -12.37 15.40 5.87
N GLU B 142 -11.86 15.46 7.09
CA GLU B 142 -11.74 14.24 7.96
C GLU B 142 -13.13 13.73 8.37
N THR B 143 -14.16 14.59 8.36
CA THR B 143 -15.55 14.25 8.77
C THR B 143 -16.49 14.08 7.57
N ALA B 144 -15.99 14.12 6.33
CA ALA B 144 -16.82 14.08 5.12
C ALA B 144 -17.44 12.68 5.01
N ASP B 145 -18.70 12.61 4.58
CA ASP B 145 -19.41 11.34 4.30
C ASP B 145 -18.57 10.51 3.31
N SER B 146 -18.38 9.22 3.59
CA SER B 146 -17.48 8.30 2.84
C SER B 146 -18.02 8.01 1.44
N LYS B 147 -19.27 8.38 1.17
CA LYS B 147 -19.82 8.24 -0.21
C LYS B 147 -19.48 9.48 -0.99
N VAL B 148 -19.25 10.62 -0.33
CA VAL B 148 -18.75 11.87 -0.99
C VAL B 148 -17.23 11.76 -1.10
N PHE B 149 -16.53 11.58 0.01
CA PHE B 149 -15.04 11.54 0.07
C PHE B 149 -14.60 10.18 0.60
N THR B 150 -14.16 9.31 -0.29
CA THR B 150 -13.77 7.93 0.03
C THR B 150 -12.59 7.94 1.01
N ARG B 151 -11.77 9.00 1.02
CA ARG B 151 -10.49 9.00 1.80
C ARG B 151 -10.63 9.74 3.16
N SER B 152 -11.83 9.95 3.70
CA SER B 152 -11.97 10.88 4.87
C SER B 152 -11.18 10.36 6.09
N LEU B 153 -11.11 9.04 6.29
CA LEU B 153 -10.39 8.46 7.46
C LEU B 153 -8.87 8.47 7.21
N LEU B 154 -8.43 8.24 5.97
CA LEU B 154 -7.00 8.43 5.58
C LEU B 154 -6.68 9.91 5.80
N ALA B 155 -7.54 10.83 5.36
CA ALA B 155 -7.31 12.28 5.60
C ALA B 155 -7.15 12.53 7.13
N LYS B 156 -8.03 11.92 7.92
CA LYS B 156 -7.99 12.09 9.39
C LYS B 156 -6.62 11.63 9.94
N SER B 157 -6.10 10.46 9.54
CA SER B 157 -4.84 9.93 10.09
C SER B 157 -3.67 10.85 9.68
N ALA B 158 -3.81 11.61 8.59
CA ALA B 158 -2.74 12.48 8.01
C ALA B 158 -2.93 13.93 8.47
N SER B 159 -3.87 14.19 9.38
CA SER B 159 -4.24 15.53 9.89
C SER B 159 -4.61 16.50 8.73
N LEU B 160 -5.08 15.97 7.61
CA LEU B 160 -5.52 16.80 6.46
C LEU B 160 -6.94 17.27 6.74
N GLN B 161 -7.14 18.60 6.76
CA GLN B 161 -8.41 19.27 7.09
C GLN B 161 -9.14 19.74 5.81
N THR B 162 -8.42 20.25 4.79
CA THR B 162 -9.04 20.91 3.63
C THR B 162 -8.58 20.20 2.36
N VAL B 163 -9.51 19.68 1.56
CA VAL B 163 -9.18 18.98 0.28
C VAL B 163 -10.05 19.54 -0.83
N VAL B 164 -9.43 19.87 -1.96
CA VAL B 164 -10.10 20.57 -3.08
C VAL B 164 -9.73 19.85 -4.37
N CYS B 165 -10.72 19.51 -5.20
CA CYS B 165 -10.57 18.95 -6.56
C CYS B 165 -11.26 19.84 -7.56
N PHE B 166 -10.68 20.02 -8.73
CA PHE B 166 -11.34 20.81 -9.76
C PHE B 166 -10.88 20.31 -11.11
N PRO B 167 -11.74 20.42 -12.14
CA PRO B 167 -11.32 20.06 -13.49
C PRO B 167 -10.24 21.03 -13.96
N PHE B 168 -9.28 20.45 -14.68
CA PHE B 168 -8.13 21.19 -15.19
C PHE B 168 -7.38 20.33 -16.20
N LEU B 169 -7.00 20.93 -17.32
CA LEU B 169 -6.20 20.29 -18.39
C LEU B 169 -6.77 18.94 -18.82
N GLY B 170 -8.08 18.76 -18.86
CA GLY B 170 -8.69 17.50 -19.32
C GLY B 170 -8.62 16.42 -18.25
N GLY B 171 -8.13 16.74 -17.04
CA GLY B 171 -8.15 15.82 -15.88
C GLY B 171 -8.72 16.54 -14.67
N VAL B 172 -8.21 16.18 -13.50
CA VAL B 172 -8.64 16.79 -12.23
C VAL B 172 -7.41 17.07 -11.37
N LEU B 173 -7.27 18.30 -10.95
CA LEU B 173 -6.22 18.73 -10.01
C LEU B 173 -6.82 18.73 -8.60
N GLU B 174 -6.15 18.03 -7.70
CA GLU B 174 -6.46 17.96 -6.25
C GLU B 174 -5.33 18.60 -5.42
N ILE B 175 -5.69 19.45 -4.49
CA ILE B 175 -4.78 20.05 -3.50
C ILE B 175 -5.40 19.82 -2.12
N GLY B 176 -4.55 19.58 -1.14
CA GLY B 176 -4.99 19.43 0.26
C GLY B 176 -3.99 20.02 1.21
N THR B 177 -4.46 20.37 2.42
CA THR B 177 -3.63 21.00 3.45
C THR B 177 -4.12 20.58 4.84
N THR B 178 -3.17 20.56 5.77
CA THR B 178 -3.42 20.31 7.21
C THR B 178 -4.13 21.53 7.80
N GLU B 179 -4.16 22.68 7.12
CA GLU B 179 -4.88 23.90 7.58
C GLU B 179 -6.38 23.84 7.26
N HIS B 180 -7.19 24.55 8.04
CA HIS B 180 -8.64 24.76 7.74
C HIS B 180 -8.76 26.03 6.90
N ILE B 181 -9.05 25.93 5.61
CA ILE B 181 -9.19 27.10 4.71
C ILE B 181 -10.61 27.07 4.14
N LYS B 182 -11.40 28.09 4.50
CA LYS B 182 -12.78 28.27 3.99
C LYS B 182 -12.70 28.47 2.47
N GLU B 183 -13.76 28.04 1.79
CA GLU B 183 -13.90 28.02 0.32
C GLU B 183 -13.46 29.37 -0.23
N ASP B 184 -12.42 29.35 -1.07
CA ASP B 184 -11.81 30.54 -1.71
C ASP B 184 -11.40 30.19 -3.16
N MET B 185 -12.28 30.50 -4.10
CA MET B 185 -12.05 30.28 -5.56
C MET B 185 -10.81 31.03 -6.01
N ASN B 186 -10.36 32.07 -5.30
CA ASN B 186 -9.09 32.74 -5.67
C ASN B 186 -7.88 31.81 -5.47
N VAL B 187 -7.96 30.85 -4.55
CA VAL B 187 -6.90 29.81 -4.37
C VAL B 187 -6.85 28.97 -5.65
N ILE B 188 -8.01 28.55 -6.18
CA ILE B 188 -8.07 27.72 -7.41
C ILE B 188 -7.53 28.56 -8.56
N GLN B 189 -7.94 29.83 -8.66
CA GLN B 189 -7.43 30.73 -9.71
C GLN B 189 -5.91 30.83 -9.56
N SER B 190 -5.39 31.06 -8.35
CA SER B 190 -3.92 31.26 -8.21
C SER B 190 -3.19 29.96 -8.59
N VAL B 191 -3.72 28.79 -8.22
CA VAL B 191 -3.04 27.51 -8.60
C VAL B 191 -3.01 27.33 -10.12
N LYS B 192 -4.13 27.54 -10.81
CA LYS B 192 -4.19 27.37 -12.29
C LYS B 192 -3.20 28.31 -12.94
N THR B 193 -3.18 29.56 -12.53
CA THR B 193 -2.30 30.58 -13.13
C THR B 193 -0.85 30.20 -12.86
N LEU B 194 -0.50 29.93 -11.60
CA LEU B 194 0.88 29.53 -11.19
C LEU B 194 1.25 28.30 -12.01
N PHE B 195 0.32 27.37 -12.12
CA PHE B 195 0.56 26.11 -12.85
C PHE B 195 0.88 26.43 -14.30
N LEU B 196 0.09 27.22 -14.98
CA LEU B 196 0.33 27.48 -16.43
C LEU B 196 1.51 28.44 -16.65
N GLU B 197 1.88 29.27 -15.70
CA GLU B 197 3.03 30.19 -15.92
C GLU B 197 4.34 29.56 -15.42
N ALA B 198 4.28 28.44 -14.66
CA ALA B 198 5.49 27.70 -14.20
C ALA B 198 6.38 27.35 -15.41
#